data_2ZDU
#
_entry.id   2ZDU
#
_cell.length_a   56.956
_cell.length_b   70.267
_cell.length_c   107.947
_cell.angle_alpha   90.00
_cell.angle_beta   90.00
_cell.angle_gamma   90.00
#
_symmetry.space_group_name_H-M   'P 21 21 21'
#
loop_
_entity.id
_entity.type
_entity.pdbx_description
1 polymer 'Mitogen-activated protein kinase 10'
2 non-polymer '4-[(4-{[6-bromo-3-(methoxycarbonyl)-1-oxo-4-phenylisoquinolin-2(1H)-yl]methyl}phenyl)amino]-4-oxobutanoic acid'
3 water water
#
_entity_poly.entity_id   1
_entity_poly.type   'polypeptide(L)'
_entity_poly.pdbx_seq_one_letter_code
;MSKSKVDNQFYSVEVGDSTFTVLKRYQNLKPIGSGAQGIVCAAYDAVLDRNVAIKKLSRPFQNQTHAKRAYRELVLMKCV
NHKNIISLLNVFTPQKTLEEFQDVYLVMELMDANLCQVIQMELDHERMSYLLYQMLCGIKHLHSAGIIHRDLKPSNIVVK
SDCTLKILDFGLARTAGTSFMMTPYVVTRYYRAPEVILGMGYKENVDIWSVGCIMGEMVRHKILFPGRDYIDQWNKVIEQ
LGTPCPEFMKKLQPTVRNYVENRPKYAGLTFPKLFPDSLFPADSEHNKLKASQARDLLSKMLVIDPAKRISVDDALQHPY
INVWYDPAEVEAPPPQIYDKQLDEREHTIEEWKELIYKEVMNSE
;
_entity_poly.pdbx_strand_id   A
#
loop_
_chem_comp.id
_chem_comp.type
_chem_comp.name
_chem_comp.formula
446 non-polymer '4-[(4-{[6-bromo-3-(methoxycarbonyl)-1-oxo-4-phenylisoquinolin-2(1H)-yl]methyl}phenyl)amino]-4-oxobutanoic acid' 'C28 H23 Br N2 O6'
#
# COMPACT_ATOMS: atom_id res chain seq x y z
N ASN A 8 36.64 3.59 10.94
CA ASN A 8 35.47 3.04 11.68
C ASN A 8 34.61 2.20 10.73
N GLN A 9 33.72 1.40 11.31
CA GLN A 9 32.85 0.57 10.52
C GLN A 9 31.84 1.37 9.69
N PHE A 10 31.41 2.50 10.24
CA PHE A 10 30.41 3.37 9.61
C PHE A 10 30.99 4.69 9.13
N TYR A 11 30.28 5.35 8.22
CA TYR A 11 30.57 6.75 7.91
C TYR A 11 29.28 7.54 7.68
N SER A 12 29.41 8.85 7.53
CA SER A 12 28.25 9.75 7.56
C SER A 12 28.18 10.58 6.30
N VAL A 13 27.06 10.47 5.60
CA VAL A 13 26.76 11.34 4.47
C VAL A 13 25.58 12.23 4.80
N GLU A 14 25.67 13.47 4.38
CA GLU A 14 24.60 14.41 4.63
C GLU A 14 23.58 14.29 3.52
N VAL A 15 22.33 14.07 3.91
CA VAL A 15 21.25 13.99 2.95
C VAL A 15 20.13 14.92 3.40
N GLY A 16 20.09 16.11 2.82
CA GLY A 16 19.09 17.08 3.25
C GLY A 16 19.26 17.36 4.72
N ASP A 17 18.13 17.51 5.43
CA ASP A 17 18.22 17.76 6.85
C ASP A 17 18.83 16.55 7.57
N SER A 18 18.88 15.40 6.88
CA SER A 18 19.37 14.17 7.50
C SER A 18 20.88 13.93 7.38
N THR A 19 21.43 13.30 8.41
CA THR A 19 22.76 12.75 8.35
C THR A 19 22.65 11.23 8.35
N PHE A 20 22.91 10.62 7.21
CA PHE A 20 22.85 9.16 7.10
C PHE A 20 24.20 8.61 7.55
N THR A 21 24.18 7.91 8.68
CA THR A 21 25.36 7.24 9.18
C THR A 21 25.25 5.75 8.89
N VAL A 22 26.03 5.27 7.93
CA VAL A 22 25.89 3.90 7.44
C VAL A 22 27.18 3.06 7.40
N LEU A 23 27.00 1.76 7.49
CA LEU A 23 28.05 0.80 7.17
C LEU A 23 28.85 1.17 5.90
N LYS A 24 30.12 0.80 5.88
CA LYS A 24 31.01 1.18 4.79
C LYS A 24 30.63 0.51 3.47
N ARG A 25 30.08 -0.70 3.57
CA ARG A 25 29.66 -1.46 2.40
C ARG A 25 28.73 -0.69 1.48
N TYR A 26 27.95 0.22 2.07
CA TYR A 26 26.98 0.96 1.28
C TYR A 26 27.59 2.26 0.72
N GLN A 27 27.77 2.29 -0.60
CA GLN A 27 28.48 3.36 -1.28
C GLN A 27 27.56 4.30 -2.06
N ASN A 28 28.06 5.50 -2.30
CA ASN A 28 27.40 6.46 -3.18
C ASN A 28 25.89 6.55 -2.95
N LEU A 29 25.50 7.23 -1.88
CA LEU A 29 24.08 7.39 -1.55
C LEU A 29 23.49 8.61 -2.23
N LYS A 30 22.26 8.42 -2.72
CA LYS A 30 21.52 9.47 -3.41
C LYS A 30 20.08 9.39 -2.87
N PRO A 31 19.48 10.55 -2.52
CA PRO A 31 18.12 10.50 -2.00
C PRO A 31 17.10 10.19 -3.11
N ILE A 32 16.10 9.36 -2.81
CA ILE A 32 15.09 9.04 -3.81
C ILE A 32 13.66 9.44 -3.45
N GLY A 33 13.37 9.55 -2.17
CA GLY A 33 12.00 9.84 -1.78
C GLY A 33 11.79 9.95 -0.29
N SER A 34 10.56 10.23 0.13
CA SER A 34 10.30 10.44 1.54
C SER A 34 8.91 10.06 1.99
N GLY A 35 8.81 9.03 2.82
CA GLY A 35 7.53 8.69 3.43
C GLY A 35 7.38 9.15 4.88
N ALA A 36 6.58 8.42 5.63
CA ALA A 36 6.20 8.84 6.99
C ALA A 36 7.32 8.56 7.97
N GLN A 37 8.09 7.51 7.70
CA GLN A 37 9.17 7.13 8.60
C GLN A 37 10.40 8.00 8.42
N GLY A 38 10.46 8.69 7.27
CA GLY A 38 11.54 9.62 7.05
C GLY A 38 12.07 9.53 5.64
N ILE A 39 13.35 9.80 5.46
CA ILE A 39 13.91 9.81 4.13
C ILE A 39 14.37 8.40 3.76
N VAL A 40 14.44 8.15 2.46
CA VAL A 40 14.90 6.89 1.91
C VAL A 40 15.91 7.15 0.78
N CYS A 41 17.08 6.52 0.88
CA CYS A 41 18.14 6.68 -0.11
C CYS A 41 18.30 5.41 -0.88
N ALA A 42 18.70 5.54 -2.14
CA ALA A 42 19.20 4.45 -2.94
C ALA A 42 20.70 4.38 -2.68
N ALA A 43 21.29 3.20 -2.85
CA ALA A 43 22.69 3.04 -2.52
C ALA A 43 23.23 1.85 -3.27
N TYR A 44 24.52 1.90 -3.62
CA TYR A 44 25.25 0.73 -4.13
C TYR A 44 25.88 -0.08 -3.00
N ASP A 45 25.78 -1.39 -3.07
CA ASP A 45 26.24 -2.24 -1.96
C ASP A 45 27.42 -3.13 -2.34
N ALA A 46 28.61 -2.68 -1.99
CA ALA A 46 29.84 -3.33 -2.44
C ALA A 46 29.91 -4.81 -2.12
N VAL A 47 29.39 -5.20 -0.95
CA VAL A 47 29.37 -6.61 -0.57
C VAL A 47 28.57 -7.48 -1.53
N LEU A 48 27.36 -7.04 -1.89
CA LEU A 48 26.53 -7.81 -2.80
C LEU A 48 26.66 -7.40 -4.28
N ASP A 49 27.40 -6.34 -4.55
CA ASP A 49 27.47 -5.77 -5.91
C ASP A 49 26.10 -5.64 -6.53
N ARG A 50 25.23 -4.90 -5.86
CA ARG A 50 23.94 -4.58 -6.42
C ARG A 50 23.39 -3.37 -5.66
N ASN A 51 22.48 -2.66 -6.30
CA ASN A 51 21.92 -1.50 -5.69
C ASN A 51 20.80 -1.88 -4.69
N VAL A 52 20.62 -1.04 -3.66
CA VAL A 52 19.68 -1.30 -2.56
C VAL A 52 18.97 -0.02 -2.12
N ALA A 53 18.01 -0.17 -1.21
CA ALA A 53 17.39 1.00 -0.61
C ALA A 53 17.70 1.01 0.86
N ILE A 54 18.06 2.20 1.36
CA ILE A 54 18.22 2.37 2.79
C ILE A 54 17.20 3.33 3.35
N LYS A 55 16.25 2.78 4.10
CA LYS A 55 15.29 3.57 4.83
C LYS A 55 15.91 3.84 6.19
N LYS A 56 15.82 5.08 6.67
CA LYS A 56 16.24 5.37 8.04
C LYS A 56 15.09 5.76 8.98
N LEU A 57 15.09 5.16 10.16
CA LEU A 57 14.05 5.39 11.17
C LEU A 57 14.69 6.11 12.34
N SER A 58 14.31 7.35 12.58
CA SER A 58 14.85 8.08 13.72
C SER A 58 13.96 7.98 14.95
N ARG A 59 14.47 7.31 15.98
CA ARG A 59 13.85 7.40 17.28
C ARG A 59 12.43 6.90 17.27
N PRO A 60 12.15 5.83 16.51
CA PRO A 60 10.79 5.30 16.39
C PRO A 60 10.16 4.98 17.75
N PHE A 61 10.98 4.58 18.71
CA PHE A 61 10.43 4.21 20.00
C PHE A 61 9.63 5.31 20.68
N GLN A 62 9.82 6.57 20.29
CA GLN A 62 9.22 7.67 21.03
C GLN A 62 7.87 8.09 20.48
N ASN A 63 7.12 7.12 19.97
CA ASN A 63 5.73 7.30 19.61
C ASN A 63 5.14 5.90 19.49
N GLN A 64 3.93 5.72 20.01
CA GLN A 64 3.36 4.38 20.15
C GLN A 64 3.10 3.73 18.80
N THR A 65 2.64 4.53 17.84
CA THR A 65 2.34 4.03 16.51
C THR A 65 3.60 3.68 15.71
N HIS A 66 4.52 4.63 15.55
CA HIS A 66 5.72 4.39 14.76
C HIS A 66 6.44 3.20 15.37
N ALA A 67 6.35 3.11 16.69
CA ALA A 67 7.02 2.10 17.47
C ALA A 67 6.51 0.72 17.09
N LYS A 68 5.20 0.61 16.91
CA LYS A 68 4.60 -0.66 16.54
C LYS A 68 4.84 -0.95 15.04
N ARG A 69 4.76 0.08 14.21
CA ARG A 69 4.99 -0.13 12.80
C ARG A 69 6.39 -0.69 12.60
N ALA A 70 7.30 -0.29 13.48
CA ALA A 70 8.71 -0.59 13.28
C ALA A 70 9.04 -1.98 13.80
N TYR A 71 8.59 -2.25 15.02
CA TYR A 71 8.76 -3.57 15.56
C TYR A 71 8.11 -4.63 14.67
N ARG A 72 6.83 -4.47 14.39
CA ARG A 72 6.09 -5.46 13.63
C ARG A 72 6.77 -5.69 12.28
N GLU A 73 7.36 -4.65 11.71
CA GLU A 73 7.82 -4.76 10.34
C GLU A 73 9.17 -5.43 10.26
N LEU A 74 10.03 -5.16 11.23
CA LEU A 74 11.21 -5.99 11.38
C LEU A 74 10.79 -7.46 11.43
N VAL A 75 9.99 -7.79 12.45
CA VAL A 75 9.48 -9.15 12.66
C VAL A 75 8.84 -9.73 11.41
N LEU A 76 7.93 -9.00 10.82
CA LEU A 76 7.27 -9.44 9.60
C LEU A 76 8.24 -9.60 8.42
N MET A 77 9.17 -8.66 8.27
CA MET A 77 10.10 -8.68 7.14
C MET A 77 10.91 -9.97 6.99
N LYS A 78 11.38 -10.51 8.10
CA LYS A 78 11.95 -11.85 8.13
C LYS A 78 10.87 -12.77 8.67
N CYS A 79 9.96 -13.21 7.81
CA CYS A 79 8.77 -13.89 8.28
C CYS A 79 7.77 -13.93 7.14
N VAL A 80 8.06 -13.17 6.10
CA VAL A 80 7.28 -13.14 4.86
C VAL A 80 8.24 -13.11 3.69
N ASN A 81 7.97 -13.91 2.67
CA ASN A 81 8.85 -13.96 1.51
C ASN A 81 8.02 -14.20 0.25
N HIS A 82 7.67 -13.11 -0.44
CA HIS A 82 6.88 -13.15 -1.67
C HIS A 82 7.42 -12.18 -2.72
N LYS A 83 7.47 -12.59 -3.98
CA LYS A 83 8.11 -11.72 -4.97
C LYS A 83 7.41 -10.38 -5.12
N ASN A 84 6.23 -10.25 -4.56
CA ASN A 84 5.49 -8.99 -4.72
C ASN A 84 5.44 -8.21 -3.42
N ILE A 85 6.25 -8.67 -2.48
CA ILE A 85 6.48 -7.94 -1.24
C ILE A 85 7.93 -7.62 -1.05
N ILE A 86 8.21 -6.35 -0.76
CA ILE A 86 9.59 -5.90 -0.73
C ILE A 86 10.40 -6.74 0.26
N SER A 87 11.62 -7.12 -0.10
CA SER A 87 12.45 -7.91 0.83
C SER A 87 13.50 -7.10 1.61
N LEU A 88 13.56 -7.38 2.90
CA LEU A 88 14.55 -6.81 3.81
C LEU A 88 15.88 -7.55 3.67
N LEU A 89 16.93 -6.83 3.23
CA LEU A 89 18.27 -7.38 3.01
C LEU A 89 19.13 -7.29 4.27
N ASN A 90 19.00 -6.20 5.00
CA ASN A 90 19.82 -5.99 6.15
C ASN A 90 19.28 -4.87 7.03
N VAL A 91 19.52 -4.99 8.33
CA VAL A 91 19.19 -3.92 9.26
C VAL A 91 20.42 -3.63 10.09
N PHE A 92 20.56 -2.41 10.60
CA PHE A 92 21.66 -2.10 11.48
C PHE A 92 21.45 -0.75 12.16
N THR A 93 22.00 -0.59 13.36
CA THR A 93 22.08 0.72 14.02
C THR A 93 23.56 1.06 14.20
N PRO A 94 23.92 2.35 14.08
CA PRO A 94 25.31 2.73 14.31
C PRO A 94 25.63 2.94 15.79
N GLN A 95 24.59 2.97 16.63
CA GLN A 95 24.81 3.12 18.06
C GLN A 95 25.14 1.76 18.66
N LYS A 96 25.90 1.78 19.76
CA LYS A 96 26.59 0.58 20.23
C LYS A 96 25.98 -0.05 21.49
N THR A 97 25.16 0.69 22.21
CA THR A 97 24.44 0.14 23.36
C THR A 97 22.98 0.53 23.24
N LEU A 98 22.12 -0.17 23.98
CA LEU A 98 20.74 0.24 24.13
C LEU A 98 20.65 1.72 24.45
N GLU A 99 21.39 2.13 25.47
CA GLU A 99 21.22 3.46 26.03
C GLU A 99 21.45 4.53 24.97
N GLU A 100 22.36 4.25 24.04
CA GLU A 100 22.67 5.24 23.02
C GLU A 100 21.88 4.99 21.74
N PHE A 101 21.27 3.81 21.66
CA PHE A 101 20.47 3.45 20.49
C PHE A 101 19.52 4.60 20.13
N GLN A 102 19.38 4.84 18.83
CA GLN A 102 18.60 5.98 18.41
C GLN A 102 17.97 5.81 17.04
N ASP A 103 18.76 5.36 16.08
CA ASP A 103 18.31 5.22 14.68
C ASP A 103 18.28 3.75 14.26
N VAL A 104 17.29 3.38 13.46
CA VAL A 104 17.38 2.11 12.73
C VAL A 104 17.51 2.31 11.22
N TYR A 105 18.38 1.52 10.61
CA TYR A 105 18.57 1.57 9.18
C TYR A 105 18.16 0.24 8.62
N LEU A 106 17.30 0.28 7.61
CA LEU A 106 16.73 -0.91 7.02
C LEU A 106 17.14 -0.92 5.57
N VAL A 107 17.77 -2.00 5.13
CA VAL A 107 18.13 -2.12 3.73
C VAL A 107 17.15 -3.05 3.00
N MET A 108 16.25 -2.47 2.20
CA MET A 108 15.41 -3.23 1.26
C MET A 108 16.11 -3.45 -0.10
N GLU A 109 15.54 -4.31 -0.92
CA GLU A 109 15.88 -4.35 -2.34
C GLU A 109 15.38 -3.06 -3.03
N LEU A 110 15.79 -2.82 -4.27
CA LEU A 110 15.52 -1.54 -4.93
C LEU A 110 14.94 -1.71 -6.33
N MET A 111 13.98 -0.86 -6.69
CA MET A 111 13.34 -1.01 -8.00
C MET A 111 13.68 0.14 -8.93
N ASP A 112 12.70 0.66 -9.66
CA ASP A 112 12.98 1.79 -10.54
C ASP A 112 12.02 2.97 -10.42
N ALA A 113 10.80 2.75 -9.96
CA ALA A 113 9.87 3.87 -9.83
C ALA A 113 8.79 3.68 -8.79
N ASN A 114 8.02 4.74 -8.56
CA ASN A 114 6.88 4.69 -7.67
C ASN A 114 5.65 4.36 -8.48
N LEU A 115 4.74 3.62 -7.86
CA LEU A 115 3.45 3.32 -8.45
C LEU A 115 2.78 4.61 -8.92
N CYS A 116 2.94 5.68 -8.12
CA CYS A 116 2.33 6.97 -8.40
C CYS A 116 2.79 7.58 -9.72
N GLN A 117 4.02 7.30 -10.13
CA GLN A 117 4.50 7.83 -11.39
C GLN A 117 3.90 6.98 -12.49
N VAL A 118 3.84 5.68 -12.22
CA VAL A 118 3.39 4.71 -13.19
C VAL A 118 1.91 4.91 -13.48
N ILE A 119 1.18 5.45 -12.52
CA ILE A 119 -0.20 5.87 -12.75
C ILE A 119 -0.25 6.99 -13.77
N GLN A 120 0.83 7.76 -13.89
CA GLN A 120 0.83 8.88 -14.81
C GLN A 120 0.82 8.47 -16.29
N MET A 121 1.48 7.38 -16.65
CA MET A 121 1.58 7.03 -18.07
C MET A 121 0.29 6.46 -18.63
N GLU A 122 0.10 6.62 -19.94
CA GLU A 122 -1.16 6.30 -20.59
C GLU A 122 -1.27 4.81 -20.77
N LEU A 123 -1.54 4.09 -19.68
CA LEU A 123 -1.32 2.65 -19.68
C LEU A 123 -2.29 1.88 -20.56
N ASP A 124 -1.80 0.76 -21.09
CA ASP A 124 -2.57 -0.12 -21.93
C ASP A 124 -2.90 -1.26 -21.02
N HIS A 125 -3.79 -2.15 -21.44
CA HIS A 125 -4.36 -3.14 -20.52
C HIS A 125 -3.35 -4.20 -20.16
N GLU A 126 -2.40 -4.45 -21.05
CA GLU A 126 -1.34 -5.39 -20.73
C GLU A 126 -0.68 -4.92 -19.44
N ARG A 127 0.01 -3.78 -19.51
CA ARG A 127 0.74 -3.28 -18.35
C ARG A 127 -0.15 -3.27 -17.11
N MET A 128 -1.34 -2.71 -17.25
CA MET A 128 -2.24 -2.50 -16.13
C MET A 128 -2.82 -3.75 -15.47
N SER A 129 -3.29 -4.71 -16.25
CA SER A 129 -3.83 -5.91 -15.63
C SER A 129 -2.71 -6.58 -14.87
N TYR A 130 -1.50 -6.51 -15.42
CA TYR A 130 -0.38 -7.26 -14.86
C TYR A 130 0.12 -6.66 -13.56
N LEU A 131 -0.13 -5.37 -13.36
CA LEU A 131 0.27 -4.73 -12.11
C LEU A 131 -0.74 -5.06 -11.03
N LEU A 132 -2.01 -5.08 -11.40
CA LEU A 132 -3.08 -5.38 -10.47
C LEU A 132 -3.03 -6.86 -10.12
N TYR A 133 -2.54 -7.66 -11.05
CA TYR A 133 -2.42 -9.09 -10.78
C TYR A 133 -1.42 -9.24 -9.65
N GLN A 134 -0.29 -8.57 -9.78
CA GLN A 134 0.74 -8.64 -8.76
C GLN A 134 0.34 -8.12 -7.36
N MET A 135 -0.31 -6.96 -7.33
CA MET A 135 -0.87 -6.38 -6.12
C MET A 135 -1.72 -7.37 -5.37
N LEU A 136 -2.57 -8.06 -6.11
CA LEU A 136 -3.48 -9.04 -5.55
C LEU A 136 -2.74 -10.26 -5.02
N CYS A 137 -1.82 -10.78 -5.82
CA CYS A 137 -0.96 -11.88 -5.38
C CYS A 137 -0.29 -11.52 -4.06
N GLY A 138 0.24 -10.29 -3.97
CA GLY A 138 0.95 -9.86 -2.80
C GLY A 138 0.03 -9.74 -1.58
N ILE A 139 -1.15 -9.14 -1.78
CA ILE A 139 -2.16 -9.03 -0.73
C ILE A 139 -2.62 -10.40 -0.30
N LYS A 140 -2.75 -11.29 -1.26
CA LYS A 140 -3.13 -12.66 -0.94
C LYS A 140 -2.07 -13.22 -0.01
N HIS A 141 -0.81 -13.07 -0.41
CA HIS A 141 0.27 -13.60 0.39
C HIS A 141 0.31 -13.00 1.79
N LEU A 142 -0.06 -11.74 1.92
CA LEU A 142 -0.10 -11.12 3.23
C LEU A 142 -1.27 -11.68 4.02
N HIS A 143 -2.35 -11.99 3.31
CA HIS A 143 -3.55 -12.49 3.99
C HIS A 143 -3.33 -13.90 4.52
N SER A 144 -2.88 -14.78 3.63
CA SER A 144 -2.57 -16.13 4.02
C SER A 144 -1.66 -16.06 5.24
N ALA A 145 -0.77 -15.07 5.27
CA ALA A 145 0.15 -14.92 6.38
C ALA A 145 -0.58 -14.59 7.69
N GLY A 146 -1.74 -13.93 7.56
CA GLY A 146 -2.46 -13.55 8.75
C GLY A 146 -2.49 -12.03 8.86
N ILE A 147 -2.09 -11.36 7.79
CA ILE A 147 -1.95 -9.91 7.77
C ILE A 147 -2.95 -9.30 6.82
N ILE A 148 -3.80 -8.42 7.33
CA ILE A 148 -4.70 -7.62 6.49
C ILE A 148 -4.31 -6.13 6.61
N HIS A 149 -3.98 -5.52 5.47
CA HIS A 149 -3.12 -4.35 5.41
C HIS A 149 -3.85 -3.08 5.81
N ARG A 150 -5.06 -2.88 5.28
CA ARG A 150 -5.95 -1.78 5.65
C ARG A 150 -5.46 -0.38 5.37
N ASP A 151 -4.23 -0.25 4.91
CA ASP A 151 -3.70 1.08 4.62
C ASP A 151 -2.81 1.02 3.39
N LEU A 152 -3.33 0.37 2.36
CA LEU A 152 -2.63 0.25 1.09
C LEU A 152 -2.79 1.57 0.32
N LYS A 153 -1.71 2.01 -0.31
CA LYS A 153 -1.76 3.19 -1.17
C LYS A 153 -0.61 3.16 -2.17
N PRO A 154 -0.76 3.88 -3.29
CA PRO A 154 0.19 3.73 -4.41
C PRO A 154 1.60 4.21 -4.13
N SER A 155 1.74 5.25 -3.34
CA SER A 155 3.06 5.77 -2.99
C SER A 155 3.89 4.73 -2.24
N ASN A 156 3.23 3.75 -1.64
CA ASN A 156 3.97 2.68 -0.95
C ASN A 156 4.10 1.42 -1.79
N ILE A 157 3.92 1.56 -3.08
CA ILE A 157 4.13 0.45 -3.99
C ILE A 157 5.12 0.91 -5.04
N VAL A 158 6.10 0.07 -5.34
CA VAL A 158 7.16 0.41 -6.27
C VAL A 158 7.27 -0.62 -7.40
N VAL A 159 7.82 -0.22 -8.54
CA VAL A 159 7.81 -1.06 -9.73
C VAL A 159 9.18 -1.06 -10.38
N LYS A 160 9.40 -2.01 -11.28
CA LYS A 160 10.67 -2.16 -11.98
C LYS A 160 10.41 -2.00 -13.47
N SER A 161 11.45 -1.73 -14.24
CA SER A 161 11.32 -1.44 -15.66
C SER A 161 10.58 -2.57 -16.33
N ASP A 162 10.88 -3.78 -15.90
CA ASP A 162 10.30 -4.97 -16.52
C ASP A 162 8.88 -5.15 -16.03
N CYS A 163 8.45 -4.30 -15.10
CA CYS A 163 7.04 -4.19 -14.77
C CYS A 163 6.64 -5.09 -13.61
N THR A 164 7.63 -5.62 -12.90
CA THR A 164 7.40 -6.33 -11.63
C THR A 164 7.07 -5.34 -10.51
N LEU A 165 6.55 -5.81 -9.38
CA LEU A 165 5.91 -4.90 -8.43
C LEU A 165 5.96 -5.36 -6.97
N LYS A 166 6.39 -4.48 -6.08
CA LYS A 166 6.50 -4.82 -4.68
C LYS A 166 5.70 -3.87 -3.83
N ILE A 167 4.97 -4.42 -2.86
CA ILE A 167 4.40 -3.59 -1.82
C ILE A 167 5.49 -3.32 -0.79
N LEU A 168 5.49 -2.13 -0.21
CA LEU A 168 6.57 -1.78 0.70
C LEU A 168 6.29 -2.12 2.15
N ASP A 169 5.03 -2.10 2.56
CA ASP A 169 4.75 -2.13 3.99
C ASP A 169 3.58 -3.00 4.35
N PHE A 170 3.25 -3.02 5.63
CA PHE A 170 2.28 -3.99 6.14
C PHE A 170 1.04 -3.35 6.75
N GLY A 171 0.76 -2.10 6.43
CA GLY A 171 -0.39 -1.46 7.03
C GLY A 171 -0.41 -1.52 8.56
N LEU A 172 -1.60 -1.66 9.13
CA LEU A 172 -1.89 -1.20 10.50
C LEU A 172 -1.98 -2.29 11.58
N ALA A 173 -2.53 -3.44 11.20
CA ALA A 173 -3.17 -4.38 12.13
C ALA A 173 -3.08 -4.02 13.61
N VAL A 187 -1.16 10.17 6.38
CA VAL A 187 -1.79 11.39 5.91
C VAL A 187 -2.86 11.06 4.87
N THR A 188 -2.42 10.77 3.65
CA THR A 188 -3.33 10.41 2.57
C THR A 188 -4.30 9.28 2.94
N ARG A 189 -5.59 9.60 3.04
CA ARG A 189 -6.62 8.61 3.40
C ARG A 189 -7.51 8.21 2.23
N TYR A 190 -7.14 8.66 1.03
CA TYR A 190 -7.96 8.56 -0.17
C TYR A 190 -8.28 7.13 -0.58
N TYR A 191 -7.63 6.17 0.09
CA TYR A 191 -7.67 4.77 -0.33
C TYR A 191 -8.15 3.83 0.76
N ARG A 192 -8.24 4.33 1.99
CA ARG A 192 -8.88 3.59 3.09
C ARG A 192 -10.28 3.12 2.70
N ALA A 193 -10.56 1.84 2.88
CA ALA A 193 -11.90 1.33 2.67
C ALA A 193 -12.88 1.94 3.68
N PRO A 194 -14.14 2.07 3.27
CA PRO A 194 -15.24 2.60 4.09
C PRO A 194 -15.38 1.94 5.46
N GLU A 195 -15.32 0.62 5.52
CA GLU A 195 -15.34 -0.08 6.81
C GLU A 195 -14.24 0.44 7.73
N VAL A 196 -13.11 0.84 7.16
CA VAL A 196 -12.04 1.38 7.98
C VAL A 196 -12.36 2.80 8.38
N ILE A 197 -12.65 3.65 7.40
CA ILE A 197 -12.94 5.04 7.66
C ILE A 197 -13.97 5.19 8.78
N LEU A 198 -14.92 4.25 8.84
CA LEU A 198 -16.06 4.32 9.75
C LEU A 198 -15.86 3.43 10.95
N GLY A 199 -14.66 2.86 11.06
CA GLY A 199 -14.36 1.91 12.10
C GLY A 199 -15.56 1.02 12.35
N MET A 200 -15.72 -0.02 11.55
CA MET A 200 -16.83 -0.93 11.73
C MET A 200 -16.50 -2.39 11.41
N GLY A 201 -15.29 -2.83 11.72
CA GLY A 201 -14.95 -4.22 11.47
C GLY A 201 -14.80 -4.55 9.99
N TYR A 202 -14.02 -5.59 9.70
CA TYR A 202 -13.58 -5.81 8.33
C TYR A 202 -13.13 -7.26 8.15
N LYS A 203 -13.15 -7.74 6.90
CA LYS A 203 -12.58 -9.02 6.57
C LYS A 203 -11.47 -8.79 5.56
N GLU A 204 -11.02 -9.85 4.91
CA GLU A 204 -9.88 -9.70 4.01
C GLU A 204 -10.14 -8.62 2.97
N ASN A 205 -11.35 -8.52 2.42
CA ASN A 205 -11.48 -7.71 1.22
C ASN A 205 -11.53 -6.21 1.47
N VAL A 206 -11.23 -5.78 2.69
CA VAL A 206 -11.01 -4.36 2.96
C VAL A 206 -9.83 -3.87 2.11
N ASP A 207 -8.92 -4.77 1.80
CA ASP A 207 -7.79 -4.42 0.94
C ASP A 207 -8.18 -4.35 -0.52
N ILE A 208 -9.25 -5.02 -0.89
CA ILE A 208 -9.70 -4.97 -2.27
C ILE A 208 -10.16 -3.55 -2.59
N TRP A 209 -10.66 -2.85 -1.58
CA TRP A 209 -11.19 -1.52 -1.79
C TRP A 209 -10.14 -0.62 -2.41
N SER A 210 -8.91 -0.75 -1.92
CA SER A 210 -7.87 0.18 -2.23
C SER A 210 -7.35 -0.15 -3.60
N VAL A 211 -7.28 -1.44 -3.91
CA VAL A 211 -6.97 -1.84 -5.28
C VAL A 211 -7.96 -1.16 -6.20
N GLY A 212 -9.18 -0.99 -5.71
CA GLY A 212 -10.20 -0.29 -6.49
C GLY A 212 -9.73 1.09 -6.90
N CYS A 213 -9.38 1.88 -5.88
CA CYS A 213 -9.03 3.27 -6.03
C CYS A 213 -7.82 3.41 -6.94
N ILE A 214 -6.87 2.50 -6.77
CA ILE A 214 -5.63 2.57 -7.52
C ILE A 214 -5.91 2.23 -8.99
N MET A 215 -6.74 1.23 -9.20
CA MET A 215 -7.24 0.91 -10.52
C MET A 215 -8.04 2.05 -11.19
N GLY A 216 -8.92 2.67 -10.44
CA GLY A 216 -9.62 3.82 -10.99
C GLY A 216 -8.59 4.87 -11.33
N GLU A 217 -7.69 5.13 -10.40
CA GLU A 217 -6.77 6.23 -10.58
C GLU A 217 -5.94 5.98 -11.82
N MET A 218 -5.64 4.72 -12.10
CA MET A 218 -4.82 4.41 -13.27
C MET A 218 -5.60 4.78 -14.54
N VAL A 219 -6.92 4.79 -14.43
CA VAL A 219 -7.80 5.02 -15.55
C VAL A 219 -8.15 6.50 -15.65
N ARG A 220 -8.46 7.08 -14.51
CA ARG A 220 -8.89 8.46 -14.46
C ARG A 220 -7.68 9.41 -14.37
N HIS A 221 -6.59 8.94 -13.79
CA HIS A 221 -5.38 9.74 -13.60
C HIS A 221 -5.53 10.78 -12.50
N LYS A 222 -6.74 11.25 -12.30
CA LYS A 222 -7.02 11.97 -11.08
C LYS A 222 -7.19 10.94 -9.98
N ILE A 223 -6.94 11.35 -8.73
CA ILE A 223 -7.33 10.56 -7.57
C ILE A 223 -8.82 10.35 -7.67
N LEU A 224 -9.28 9.15 -7.41
CA LEU A 224 -10.72 8.88 -7.37
C LEU A 224 -11.41 9.78 -6.37
N PHE A 225 -11.10 9.55 -5.09
CA PHE A 225 -11.86 10.15 -3.98
C PHE A 225 -11.00 11.12 -3.23
N PRO A 226 -10.86 12.35 -3.74
CA PRO A 226 -10.06 13.34 -3.01
C PRO A 226 -10.73 13.72 -1.69
N GLY A 227 -11.11 14.98 -1.54
CA GLY A 227 -11.78 15.40 -0.32
C GLY A 227 -10.80 15.92 0.71
N ARG A 228 -11.09 17.11 1.23
CA ARG A 228 -10.19 17.79 2.13
C ARG A 228 -10.07 17.02 3.44
N ASP A 229 -11.10 17.08 4.27
CA ASP A 229 -11.03 16.42 5.56
C ASP A 229 -11.81 15.12 5.51
N TYR A 230 -11.83 14.39 6.62
CA TYR A 230 -12.36 13.03 6.63
C TYR A 230 -13.85 12.99 6.29
N ILE A 231 -14.60 13.96 6.82
CA ILE A 231 -16.01 14.12 6.48
C ILE A 231 -16.21 14.30 4.97
N ASP A 232 -15.35 15.09 4.34
CA ASP A 232 -15.44 15.34 2.91
C ASP A 232 -14.94 14.16 2.06
N GLN A 233 -14.17 13.27 2.68
CA GLN A 233 -13.75 12.02 2.04
C GLN A 233 -15.00 11.27 1.62
N TRP A 234 -15.74 10.89 2.65
CA TRP A 234 -16.97 10.14 2.50
C TRP A 234 -17.83 10.71 1.40
N ASN A 235 -17.98 12.03 1.39
CA ASN A 235 -18.98 12.64 0.54
C ASN A 235 -18.63 12.56 -0.95
N LYS A 236 -17.35 12.40 -1.26
CA LYS A 236 -16.96 12.20 -2.65
C LYS A 236 -17.22 10.76 -3.05
N VAL A 237 -17.22 9.87 -2.07
CA VAL A 237 -17.49 8.45 -2.33
C VAL A 237 -18.94 8.24 -2.74
N ILE A 238 -19.86 8.68 -1.88
CA ILE A 238 -21.28 8.52 -2.16
C ILE A 238 -21.69 9.36 -3.37
N GLU A 239 -21.14 10.57 -3.49
CA GLU A 239 -21.41 11.34 -4.69
C GLU A 239 -21.33 10.42 -5.89
N GLN A 240 -20.26 9.63 -5.97
CA GLN A 240 -20.03 8.82 -7.15
C GLN A 240 -20.68 7.43 -7.11
N LEU A 241 -20.52 6.71 -6.01
CA LEU A 241 -21.04 5.34 -5.93
C LEU A 241 -22.47 5.28 -5.44
N GLY A 242 -22.93 6.38 -4.84
CA GLY A 242 -24.27 6.41 -4.29
C GLY A 242 -24.30 6.03 -2.83
N THR A 243 -25.35 6.43 -2.12
CA THR A 243 -25.47 6.07 -0.73
C THR A 243 -25.56 4.57 -0.55
N PRO A 244 -24.89 4.05 0.48
CA PRO A 244 -25.05 2.64 0.88
C PRO A 244 -26.47 2.27 1.23
N CYS A 245 -26.71 0.96 1.26
CA CYS A 245 -28.03 0.41 1.51
C CYS A 245 -28.21 0.29 3.01
N PRO A 246 -29.45 0.12 3.47
CA PRO A 246 -29.76 0.15 4.92
C PRO A 246 -29.13 -0.99 5.74
N GLU A 247 -29.09 -2.20 5.20
CA GLU A 247 -28.50 -3.31 5.93
C GLU A 247 -27.04 -3.04 6.21
N PHE A 248 -26.43 -2.18 5.39
CA PHE A 248 -25.14 -1.63 5.73
C PHE A 248 -25.29 -0.76 6.98
N MET A 249 -26.12 0.27 6.85
CA MET A 249 -26.31 1.26 7.90
C MET A 249 -26.58 0.68 9.27
N LYS A 250 -27.41 -0.36 9.32
CA LYS A 250 -27.72 -1.00 10.58
C LYS A 250 -26.47 -1.52 11.29
N LYS A 251 -25.37 -1.63 10.56
CA LYS A 251 -24.15 -2.17 11.15
C LYS A 251 -23.29 -1.15 11.89
N LEU A 252 -23.52 0.14 11.64
CA LEU A 252 -22.79 1.18 12.36
C LEU A 252 -23.19 1.19 13.84
N GLN A 253 -22.49 1.99 14.64
CA GLN A 253 -22.84 2.14 16.04
C GLN A 253 -24.02 3.11 16.16
N PRO A 254 -24.74 3.05 17.28
CA PRO A 254 -25.97 3.84 17.39
C PRO A 254 -25.66 5.29 17.08
N THR A 255 -24.69 5.83 17.80
CA THR A 255 -24.22 7.21 17.64
C THR A 255 -23.62 7.44 16.27
N VAL A 256 -22.72 6.52 15.89
CA VAL A 256 -21.93 6.64 14.68
C VAL A 256 -22.79 6.62 13.43
N ARG A 257 -23.87 5.84 13.48
CA ARG A 257 -24.76 5.67 12.34
C ARG A 257 -25.54 6.96 12.10
N ASN A 258 -25.94 7.60 13.18
CA ASN A 258 -26.66 8.86 13.08
C ASN A 258 -25.85 9.90 12.34
N TYR A 259 -24.58 10.02 12.70
CA TYR A 259 -23.69 11.00 12.08
C TYR A 259 -23.66 10.91 10.56
N VAL A 260 -23.73 9.68 10.04
CA VAL A 260 -23.54 9.45 8.61
C VAL A 260 -24.81 9.62 7.79
N GLU A 261 -25.95 9.19 8.33
CA GLU A 261 -27.23 9.36 7.64
C GLU A 261 -27.55 10.84 7.42
N ASN A 262 -26.84 11.71 8.14
CA ASN A 262 -27.16 13.13 8.13
C ASN A 262 -26.54 13.88 6.93
N ARG A 263 -26.41 13.20 5.81
CA ARG A 263 -25.94 13.81 4.58
C ARG A 263 -27.12 13.91 3.60
N PRO A 264 -26.91 14.56 2.46
CA PRO A 264 -27.83 14.38 1.33
C PRO A 264 -27.77 12.94 0.81
N LYS A 265 -28.87 12.44 0.27
CA LYS A 265 -28.89 11.10 -0.30
C LYS A 265 -28.42 11.12 -1.74
N TYR A 266 -27.74 10.07 -2.15
CA TYR A 266 -27.22 10.01 -3.50
C TYR A 266 -27.54 8.69 -4.17
N ALA A 267 -27.68 8.73 -5.48
CA ALA A 267 -27.95 7.51 -6.23
C ALA A 267 -26.63 6.98 -6.77
N GLY A 268 -25.68 7.88 -6.97
CA GLY A 268 -24.40 7.48 -7.53
C GLY A 268 -24.58 7.13 -8.99
N LEU A 269 -23.53 7.30 -9.77
CA LEU A 269 -23.61 7.10 -11.19
C LEU A 269 -23.30 5.67 -11.53
N THR A 270 -23.73 5.23 -12.71
CA THR A 270 -23.36 3.93 -13.19
C THR A 270 -21.88 3.97 -13.50
N PHE A 271 -21.27 2.81 -13.65
CA PHE A 271 -19.84 2.68 -13.86
C PHE A 271 -19.39 3.03 -15.27
N PRO A 272 -20.28 2.92 -16.25
CA PRO A 272 -19.83 3.57 -17.48
C PRO A 272 -19.93 5.10 -17.42
N LYS A 273 -20.73 5.63 -16.51
CA LYS A 273 -20.71 7.06 -16.26
C LYS A 273 -19.36 7.41 -15.62
N LEU A 274 -19.08 6.78 -14.48
CA LEU A 274 -17.86 7.04 -13.73
C LEU A 274 -16.57 6.85 -14.55
N PHE A 275 -16.58 5.91 -15.50
CA PHE A 275 -15.38 5.61 -16.27
C PHE A 275 -15.69 5.46 -17.75
N PRO A 276 -15.96 6.58 -18.42
CA PRO A 276 -16.38 6.54 -19.82
C PRO A 276 -15.34 5.93 -20.76
N ASP A 277 -15.80 5.53 -21.95
CA ASP A 277 -14.97 4.85 -22.92
C ASP A 277 -13.83 5.71 -23.45
N SER A 278 -13.98 7.03 -23.39
CA SER A 278 -12.93 7.92 -23.88
C SER A 278 -11.62 7.64 -23.17
N LEU A 279 -11.71 7.19 -21.92
CA LEU A 279 -10.55 6.93 -21.09
C LEU A 279 -9.78 5.64 -21.40
N PHE A 280 -10.45 4.68 -22.03
CA PHE A 280 -9.80 3.45 -22.53
C PHE A 280 -9.64 3.50 -24.06
N PRO A 281 -8.71 2.69 -24.59
CA PRO A 281 -8.53 2.46 -26.03
C PRO A 281 -9.80 1.84 -26.66
N ALA A 282 -10.14 2.21 -27.89
CA ALA A 282 -11.43 1.81 -28.43
C ALA A 282 -11.41 1.45 -29.90
N ASP A 283 -10.22 1.31 -30.47
CA ASP A 283 -10.13 1.05 -31.90
C ASP A 283 -10.62 -0.35 -32.24
N SER A 284 -10.47 -1.28 -31.31
CA SER A 284 -10.62 -2.69 -31.62
C SER A 284 -11.69 -3.34 -30.76
N GLU A 285 -12.19 -4.48 -31.22
CA GLU A 285 -13.16 -5.22 -30.43
C GLU A 285 -12.43 -5.72 -29.20
N HIS A 286 -11.14 -5.96 -29.38
CA HIS A 286 -10.32 -6.38 -28.27
C HIS A 286 -10.32 -5.28 -27.22
N ASN A 287 -10.03 -4.08 -27.67
CA ASN A 287 -10.00 -2.95 -26.76
C ASN A 287 -11.36 -2.63 -26.17
N LYS A 288 -12.42 -2.89 -26.92
CA LYS A 288 -13.75 -2.62 -26.40
C LYS A 288 -14.11 -3.62 -25.31
N LEU A 289 -13.72 -4.88 -25.51
CA LEU A 289 -14.02 -5.92 -24.54
C LEU A 289 -13.17 -5.80 -23.28
N LYS A 290 -11.91 -5.43 -23.46
CA LYS A 290 -11.04 -5.25 -22.30
C LYS A 290 -11.55 -4.10 -21.45
N ALA A 291 -11.90 -2.99 -22.09
CA ALA A 291 -12.46 -1.87 -21.37
C ALA A 291 -13.67 -2.37 -20.57
N SER A 292 -14.52 -3.15 -21.21
CA SER A 292 -15.70 -3.67 -20.57
C SER A 292 -15.28 -4.43 -19.30
N GLN A 293 -14.26 -5.27 -19.45
CA GLN A 293 -13.85 -6.12 -18.38
C GLN A 293 -13.29 -5.29 -17.21
N ALA A 294 -12.52 -4.26 -17.53
CA ALA A 294 -12.01 -3.34 -16.52
C ALA A 294 -13.15 -2.69 -15.74
N ARG A 295 -14.15 -2.21 -16.47
CA ARG A 295 -15.24 -1.53 -15.83
C ARG A 295 -15.97 -2.49 -14.90
N ASP A 296 -16.08 -3.75 -15.30
CA ASP A 296 -16.74 -4.76 -14.48
C ASP A 296 -15.95 -5.03 -13.22
N LEU A 297 -14.63 -5.15 -13.37
CA LEU A 297 -13.76 -5.37 -12.23
C LEU A 297 -13.93 -4.22 -11.24
N LEU A 298 -13.77 -3.00 -11.75
CA LEU A 298 -13.98 -1.81 -10.95
C LEU A 298 -15.34 -1.90 -10.28
N SER A 299 -16.33 -2.29 -11.06
CA SER A 299 -17.71 -2.31 -10.58
C SER A 299 -17.82 -3.19 -9.35
N LYS A 300 -16.89 -4.15 -9.20
CA LYS A 300 -16.97 -5.15 -8.14
C LYS A 300 -16.01 -4.94 -6.98
N MET A 301 -14.96 -4.16 -7.23
CA MET A 301 -14.03 -3.78 -6.17
C MET A 301 -14.56 -2.56 -5.44
N LEU A 302 -15.02 -1.58 -6.21
CA LEU A 302 -15.39 -0.30 -5.64
C LEU A 302 -16.81 -0.36 -5.09
N VAL A 303 -17.02 -1.24 -4.13
CA VAL A 303 -18.33 -1.46 -3.57
C VAL A 303 -18.26 -1.14 -2.09
N ILE A 304 -18.96 -0.09 -1.70
CA ILE A 304 -18.87 0.45 -0.37
C ILE A 304 -19.13 -0.62 0.67
N ASP A 305 -20.11 -1.45 0.39
CA ASP A 305 -20.50 -2.44 1.36
C ASP A 305 -19.68 -3.71 1.13
N PRO A 306 -18.76 -4.02 2.07
CA PRO A 306 -17.84 -5.15 1.89
C PRO A 306 -18.59 -6.45 1.69
N ALA A 307 -19.71 -6.59 2.40
CA ALA A 307 -20.51 -7.79 2.31
C ALA A 307 -20.91 -8.12 0.88
N LYS A 308 -20.74 -7.16 -0.02
CA LYS A 308 -21.16 -7.29 -1.42
C LYS A 308 -19.98 -7.05 -2.32
N ARG A 309 -18.80 -6.89 -1.72
CA ARG A 309 -17.61 -6.57 -2.48
C ARG A 309 -16.90 -7.85 -2.91
N ILE A 310 -16.28 -7.79 -4.09
CA ILE A 310 -15.53 -8.94 -4.58
C ILE A 310 -14.40 -9.23 -3.61
N SER A 311 -14.00 -10.49 -3.48
CA SER A 311 -12.89 -10.79 -2.57
C SER A 311 -11.70 -11.23 -3.40
N VAL A 312 -10.60 -11.61 -2.75
CA VAL A 312 -9.31 -11.55 -3.42
C VAL A 312 -9.18 -12.64 -4.46
N ASP A 313 -9.55 -13.84 -4.09
CA ASP A 313 -9.44 -14.95 -5.02
C ASP A 313 -10.31 -14.76 -6.23
N ASP A 314 -11.50 -14.21 -6.04
CA ASP A 314 -12.40 -14.03 -7.16
C ASP A 314 -11.92 -12.96 -8.13
N ALA A 315 -11.13 -12.01 -7.62
CA ALA A 315 -10.60 -10.96 -8.44
C ALA A 315 -9.45 -11.45 -9.33
N LEU A 316 -8.69 -12.43 -8.84
CA LEU A 316 -7.57 -12.99 -9.60
C LEU A 316 -8.11 -13.83 -10.74
N GLN A 317 -9.25 -14.46 -10.47
CA GLN A 317 -9.91 -15.31 -11.44
C GLN A 317 -10.65 -14.47 -12.47
N HIS A 318 -10.99 -13.23 -12.11
CA HIS A 318 -11.74 -12.36 -12.99
C HIS A 318 -11.10 -12.21 -14.38
N PRO A 319 -11.92 -12.22 -15.44
CA PRO A 319 -11.38 -12.20 -16.80
C PRO A 319 -10.36 -11.10 -17.07
N TYR A 320 -10.53 -9.92 -16.47
CA TYR A 320 -9.56 -8.87 -16.76
C TYR A 320 -8.13 -9.24 -16.32
N ILE A 321 -8.02 -10.08 -15.30
CA ILE A 321 -6.77 -10.32 -14.58
C ILE A 321 -6.15 -11.69 -14.88
N ASN A 322 -6.96 -12.64 -15.33
CA ASN A 322 -6.54 -14.04 -15.23
C ASN A 322 -5.65 -14.47 -16.38
N VAL A 323 -5.52 -13.64 -17.39
CA VAL A 323 -4.57 -13.99 -18.42
C VAL A 323 -3.20 -14.08 -17.75
N TRP A 324 -3.11 -13.61 -16.51
CA TRP A 324 -1.86 -13.69 -15.74
C TRP A 324 -1.82 -14.79 -14.68
N TYR A 325 -2.98 -15.31 -14.30
CA TYR A 325 -3.08 -16.21 -13.16
C TYR A 325 -2.05 -17.36 -13.21
N ASP A 326 -1.30 -17.51 -12.13
CA ASP A 326 -0.29 -18.56 -12.06
C ASP A 326 -0.35 -19.14 -10.66
N PRO A 327 -0.82 -20.37 -10.54
CA PRO A 327 -0.95 -20.91 -9.18
C PRO A 327 0.38 -20.91 -8.44
N ALA A 328 1.46 -20.81 -9.18
CA ALA A 328 2.78 -20.76 -8.55
C ALA A 328 2.98 -19.44 -7.80
N GLU A 329 2.50 -18.33 -8.37
CA GLU A 329 2.59 -17.03 -7.71
C GLU A 329 1.45 -16.76 -6.74
N VAL A 330 0.30 -17.32 -7.05
CA VAL A 330 -0.87 -17.08 -6.25
C VAL A 330 -0.74 -17.75 -4.90
N GLU A 331 -0.10 -18.91 -4.85
CA GLU A 331 -0.06 -19.66 -3.60
C GLU A 331 1.30 -19.69 -2.95
N ALA A 332 1.32 -19.95 -1.64
CA ALA A 332 2.56 -19.94 -0.86
C ALA A 332 2.32 -20.21 0.63
N ARG A 345 -0.01 -6.41 22.43
CA ARG A 345 -0.02 -5.62 23.66
C ARG A 345 0.77 -4.33 23.50
N GLU A 346 0.52 -3.37 24.39
CA GLU A 346 1.17 -2.06 24.34
C GLU A 346 2.37 -1.98 25.28
N HIS A 347 3.24 -1.00 25.06
CA HIS A 347 4.40 -0.83 25.90
C HIS A 347 4.72 0.62 26.18
N THR A 348 5.61 0.86 27.13
CA THR A 348 6.14 2.19 27.41
C THR A 348 7.20 2.48 26.36
N ILE A 349 7.58 3.74 26.20
CA ILE A 349 8.65 4.06 25.28
C ILE A 349 9.87 3.21 25.62
N GLU A 350 10.23 3.14 26.89
CA GLU A 350 11.42 2.42 27.30
C GLU A 350 11.39 0.99 26.80
N GLU A 351 10.28 0.32 27.04
CA GLU A 351 10.11 -1.07 26.63
C GLU A 351 10.19 -1.20 25.11
N TRP A 352 9.60 -0.24 24.41
CA TRP A 352 9.62 -0.25 22.95
C TRP A 352 11.05 -0.15 22.47
N LYS A 353 11.77 0.83 23.01
CA LYS A 353 13.17 1.05 22.66
C LYS A 353 13.98 -0.23 22.81
N GLU A 354 13.73 -0.99 23.88
CA GLU A 354 14.49 -2.21 24.11
C GLU A 354 14.11 -3.24 23.07
N LEU A 355 12.81 -3.46 22.94
CA LEU A 355 12.25 -4.45 22.03
C LEU A 355 12.74 -4.21 20.62
N ILE A 356 12.73 -2.95 20.21
CA ILE A 356 13.18 -2.60 18.87
C ILE A 356 14.67 -2.83 18.71
N TYR A 357 15.45 -2.30 19.66
CA TYR A 357 16.90 -2.53 19.69
C TYR A 357 17.18 -4.02 19.64
N LYS A 358 16.60 -4.75 20.58
CA LYS A 358 16.89 -6.18 20.68
C LYS A 358 16.66 -6.86 19.33
N GLU A 359 15.64 -6.40 18.61
CA GLU A 359 15.27 -7.00 17.34
C GLU A 359 16.31 -6.68 16.24
N VAL A 360 16.95 -5.52 16.37
CA VAL A 360 17.97 -5.08 15.41
C VAL A 360 19.29 -5.84 15.57
N MET A 361 19.55 -6.34 16.77
CA MET A 361 20.66 -7.25 16.95
C MET A 361 20.25 -8.68 16.56
N ASN A 362 19.01 -8.83 16.11
CA ASN A 362 18.52 -10.09 15.57
C ASN A 362 18.28 -11.12 16.65
C4 446 B . 12.03 1.64 -3.19
C5 446 B . 12.57 0.39 -2.65
C6 446 B . 12.51 0.18 -1.21
C10 446 B . 10.92 3.85 -2.94
N12 446 B . 11.67 3.06 -5.19
C13 446 B . 12.09 1.91 -4.69
C15 446 B . 10.22 4.85 -2.15
C17 446 B . 10.37 5.25 -4.99
C28 446 B . 8.77 4.77 -2.05
C1 446 B . 11.96 1.22 -0.34
C2 446 B . 11.41 2.48 -0.87
C3 446 B . 11.47 2.66 -2.32
C11 446 B . 11.02 4.03 -4.37
BR14 446 B . 11.90 0.89 1.56
C16 446 B . 11.84 3.30 -6.63
O18 446 B . 10.91 6.38 -4.88
C19 446 B . 10.28 7.35 -5.53
O23 446 B . 9.30 5.12 -5.64
O24 446 B . 12.56 1.05 -5.45
C25 446 B . 13.06 4.14 -7.00
C29 446 B . 8.06 5.75 -1.23
C30 446 B . 8.82 6.81 -0.52
C31 446 B . 10.29 6.87 -0.64
C32 446 B . 11.00 5.88 -1.46
C38 446 B . 14.36 3.49 -7.17
C39 446 B . 15.49 4.29 -7.69
C40 446 B . 15.26 5.70 -7.99
C41 446 B . 13.97 6.34 -7.79
C42 446 B . 12.85 5.56 -7.30
N47 446 B . 16.27 6.49 -8.63
C48 446 B . 17.48 6.59 -8.07
C49 446 B . 18.28 7.85 -8.37
C50 446 B . 19.80 7.67 -8.24
C53 446 B . 20.59 8.92 -8.66
O56 446 B . 17.94 5.66 -7.40
O57 446 B . 19.97 10.01 -8.82
O58 446 B . 21.80 8.84 -8.85
#